data_6BC1
#
_entry.id   6BC1
#
_cell.length_a   45.332
_cell.length_b   96.333
_cell.length_c   189.361
_cell.angle_alpha   90.00
_cell.angle_beta   90.00
_cell.angle_gamma   90.00
#
_symmetry.space_group_name_H-M   'P 21 21 21'
#
loop_
_entity.id
_entity.type
_entity.pdbx_description
1 polymer 'Ras-related C3 botulinum toxin substrate 1'
2 polymer 'Rho guanine nucleotide exchange factor 28'
3 non-polymer "5'-GUANOSINE-DIPHOSPHATE-MONOTHIOPHOSPHATE"
4 non-polymer 'MAGNESIUM ION'
5 water water
#
loop_
_entity_poly.entity_id
_entity_poly.type
_entity_poly.pdbx_seq_one_letter_code
_entity_poly.pdbx_strand_id
1 'polypeptide(L)'
;PQAIKCVVVGDGAVGKTCLLISYTTNAFPGEYIPTVFDNYSANVMVDGKPVNLGLWDTAGQEDYDRLRPLSYPQTDVFLI
CFSLVSPASFENVRAKWYPEVRHHCPNTPIILVGTKLDLRDDKDTIEKLKEKKLTPITYPQGLAMAKEIGAVKYLECSAL
TQRGLKTVFDEAIRAVLHHHHHH
;
A,B
2 'polypeptide(L)'
;GILDEKNQKWLEILNKIENKTYTKLKNGHVFRKQALMSEERTLLYDGLVYWKTATGRFKDILALLLTDVLLFLQEKDQKY
IFAAVDQKPSVISLQKLIAREVANEERGMFLISASSAGPEMYEIHTNSKEERNNWMRRIQQAVESCPEEK
;
C,D
#
# COMPACT_ATOMS: atom_id res chain seq x y z
N PRO A 1 -14.27 -5.29 13.38
CA PRO A 1 -14.08 -6.39 14.32
C PRO A 1 -12.69 -6.36 14.99
N GLN A 2 -12.57 -7.07 16.11
CA GLN A 2 -11.30 -7.16 16.83
C GLN A 2 -10.55 -8.38 16.35
N ALA A 3 -9.36 -8.15 15.79
CA ALA A 3 -8.52 -9.26 15.34
C ALA A 3 -7.91 -9.98 16.52
N ILE A 4 -8.06 -11.30 16.54
CA ILE A 4 -7.50 -12.14 17.59
C ILE A 4 -6.86 -13.35 16.92
N LYS A 5 -5.58 -13.59 17.21
CA LYS A 5 -4.83 -14.66 16.60
C LYS A 5 -4.69 -15.83 17.57
N CYS A 6 -5.05 -17.02 17.11
CA CYS A 6 -4.97 -18.25 17.89
C CYS A 6 -4.13 -19.27 17.13
N VAL A 7 -3.18 -19.88 17.82
CA VAL A 7 -2.30 -20.89 17.24
C VAL A 7 -2.60 -22.21 17.94
N VAL A 8 -2.76 -23.28 17.16
CA VAL A 8 -3.06 -24.60 17.68
C VAL A 8 -1.81 -25.47 17.55
N VAL A 9 -1.38 -26.06 18.67
CA VAL A 9 -0.23 -26.94 18.69
C VAL A 9 -0.60 -28.22 19.44
N GLY A 10 0.29 -29.20 19.36
CA GLY A 10 0.03 -30.51 19.92
C GLY A 10 0.70 -31.58 19.08
N ASP A 11 0.76 -32.77 19.65
CA ASP A 11 1.39 -33.89 18.97
C ASP A 11 0.67 -34.16 17.65
N GLY A 12 1.31 -34.99 16.82
CA GLY A 12 0.74 -35.31 15.52
C GLY A 12 -0.46 -36.24 15.65
N ALA A 13 -1.46 -35.98 14.81
CA ALA A 13 -2.66 -36.82 14.75
C ALA A 13 -3.46 -36.79 16.05
N VAL A 14 -3.42 -35.67 16.77
CA VAL A 14 -4.26 -35.52 17.95
C VAL A 14 -5.66 -34.99 17.59
N GLY A 15 -5.81 -34.40 16.41
CA GLY A 15 -7.12 -33.97 15.94
C GLY A 15 -7.21 -32.48 15.69
N LYS A 16 -6.07 -31.81 15.55
CA LYS A 16 -6.06 -30.36 15.43
C LYS A 16 -6.81 -29.91 14.17
N THR A 17 -6.37 -30.39 13.01
CA THR A 17 -6.96 -29.91 11.76
C THR A 17 -8.45 -30.18 11.71
N CYS A 18 -8.87 -31.39 12.11
CA CYS A 18 -10.29 -31.67 12.19
C CYS A 18 -10.99 -30.71 13.14
N LEU A 19 -10.46 -30.58 14.35
CA LEU A 19 -10.99 -29.61 15.30
C LEU A 19 -11.14 -28.24 14.66
N LEU A 20 -10.10 -27.78 13.96
CA LEU A 20 -10.16 -26.48 13.30
C LEU A 20 -11.18 -26.46 12.17
N ILE A 21 -11.12 -27.45 11.28
CA ILE A 21 -12.01 -27.45 10.13
C ILE A 21 -13.46 -27.63 10.57
N SER A 22 -13.71 -28.54 11.52
CA SER A 22 -15.08 -28.78 11.96
C SER A 22 -15.73 -27.52 12.51
N TYR A 23 -14.94 -26.65 13.14
CA TYR A 23 -15.50 -25.44 13.74
C TYR A 23 -15.88 -24.42 12.68
N THR A 24 -15.01 -24.22 11.68
CA THR A 24 -15.22 -23.13 10.72
C THR A 24 -16.14 -23.53 9.58
N THR A 25 -16.23 -24.82 9.26
CA THR A 25 -17.00 -25.28 8.11
C THR A 25 -18.17 -26.19 8.49
N ASN A 26 -18.21 -26.70 9.72
CA ASN A 26 -19.22 -27.67 10.15
C ASN A 26 -19.18 -28.95 9.33
N ALA A 27 -18.04 -29.24 8.70
CA ALA A 27 -17.84 -30.45 7.93
C ALA A 27 -16.59 -31.15 8.40
N PHE A 28 -16.68 -32.46 8.61
CA PHE A 28 -15.50 -33.24 8.95
C PHE A 28 -14.68 -33.50 7.68
N PRO A 29 -13.35 -33.42 7.75
CA PRO A 29 -12.54 -33.62 6.55
C PRO A 29 -12.66 -35.04 6.03
N GLY A 30 -12.17 -35.23 4.80
CA GLY A 30 -12.23 -36.52 4.15
C GLY A 30 -11.18 -37.48 4.65
N GLU A 31 -9.94 -37.29 4.21
CA GLU A 31 -8.84 -38.15 4.59
C GLU A 31 -7.97 -37.48 5.65
N TYR A 32 -6.99 -38.23 6.16
CA TYR A 32 -6.10 -37.76 7.21
C TYR A 32 -5.33 -36.52 6.73
N ILE A 33 -4.33 -36.72 5.90
CA ILE A 33 -3.53 -35.62 5.35
C ILE A 33 -2.81 -34.79 6.41
N PRO A 34 -1.68 -35.26 6.95
CA PRO A 34 -0.93 -34.42 7.89
C PRO A 34 -0.60 -33.03 7.39
N THR A 35 -0.69 -32.05 8.28
CA THR A 35 -0.54 -30.65 7.92
C THR A 35 0.90 -30.18 8.12
N VAL A 36 1.30 -29.21 7.30
CA VAL A 36 2.59 -28.55 7.41
C VAL A 36 2.43 -27.09 7.82
N PHE A 37 1.43 -26.41 7.26
CA PHE A 37 1.06 -25.06 7.69
C PHE A 37 -0.25 -24.70 7.00
N ASP A 38 -1.22 -24.23 7.78
CA ASP A 38 -2.52 -23.87 7.25
C ASP A 38 -3.08 -22.70 8.04
N ASN A 39 -3.69 -21.75 7.34
CA ASN A 39 -4.26 -20.56 7.94
C ASN A 39 -5.75 -20.53 7.67
N TYR A 40 -6.54 -20.28 8.71
CA TYR A 40 -7.98 -20.17 8.59
C TYR A 40 -8.44 -18.94 9.37
N SER A 41 -9.67 -18.52 9.11
CA SER A 41 -10.25 -17.38 9.80
C SER A 41 -11.76 -17.58 9.93
N ALA A 42 -12.33 -17.00 10.98
CA ALA A 42 -13.76 -17.11 11.24
C ALA A 42 -14.21 -15.90 12.04
N ASN A 43 -15.40 -15.40 11.72
CA ASN A 43 -15.99 -14.26 12.39
C ASN A 43 -17.10 -14.74 13.30
N VAL A 44 -16.93 -14.54 14.61
CA VAL A 44 -17.90 -14.98 15.59
C VAL A 44 -18.12 -13.88 16.61
N MET A 45 -19.31 -13.85 17.19
CA MET A 45 -19.67 -12.93 18.25
C MET A 45 -19.46 -13.63 19.59
N VAL A 46 -18.64 -13.05 20.45
CA VAL A 46 -18.44 -13.54 21.81
C VAL A 46 -18.74 -12.39 22.75
N ASP A 47 -19.67 -12.61 23.68
CA ASP A 47 -20.08 -11.59 24.63
C ASP A 47 -20.48 -10.30 23.91
N GLY A 48 -21.18 -10.46 22.79
CA GLY A 48 -21.62 -9.33 22.00
C GLY A 48 -20.52 -8.60 21.25
N LYS A 49 -19.29 -9.13 21.26
CA LYS A 49 -18.18 -8.47 20.58
C LYS A 49 -17.91 -9.13 19.24
N PRO A 50 -17.82 -8.38 18.15
CA PRO A 50 -17.43 -8.98 16.86
C PRO A 50 -15.92 -9.23 16.82
N VAL A 51 -15.53 -10.46 16.54
CA VAL A 51 -14.15 -10.88 16.57
C VAL A 51 -13.78 -11.48 15.21
N ASN A 52 -12.68 -11.01 14.64
CA ASN A 52 -12.08 -11.63 13.46
C ASN A 52 -11.01 -12.59 13.96
N LEU A 53 -11.36 -13.87 14.05
CA LEU A 53 -10.49 -14.87 14.65
C LEU A 53 -9.57 -15.46 13.60
N GLY A 54 -8.26 -15.34 13.83
CA GLY A 54 -7.26 -15.94 12.95
C GLY A 54 -6.76 -17.24 13.56
N LEU A 55 -6.82 -18.30 12.78
CA LEU A 55 -6.45 -19.65 13.23
C LEU A 55 -5.25 -20.14 12.44
N TRP A 56 -4.29 -20.73 13.14
CA TRP A 56 -3.02 -21.16 12.55
C TRP A 56 -2.79 -22.62 12.91
N ASP A 57 -3.02 -23.51 11.95
CA ASP A 57 -2.76 -24.93 12.14
C ASP A 57 -1.26 -25.19 12.03
N THR A 58 -0.77 -26.11 12.85
CA THR A 58 0.65 -26.43 12.89
C THR A 58 0.87 -27.92 12.69
N ALA A 59 2.12 -28.26 12.36
CA ALA A 59 2.52 -29.65 12.19
C ALA A 59 2.94 -30.23 13.54
N GLY A 60 2.30 -31.32 13.93
CA GLY A 60 2.62 -32.01 15.16
C GLY A 60 3.82 -32.92 15.10
N GLN A 61 4.43 -33.07 13.92
CA GLN A 61 5.58 -33.95 13.77
C GLN A 61 6.86 -33.26 14.18
N GLU A 62 7.82 -34.06 14.66
CA GLU A 62 9.11 -33.50 15.06
C GLU A 62 9.86 -32.90 13.88
N ASP A 63 9.73 -33.50 12.70
CA ASP A 63 10.49 -33.05 11.54
C ASP A 63 10.29 -31.57 11.25
N TYR A 64 9.19 -30.98 11.73
CA TYR A 64 8.87 -29.58 11.49
C TYR A 64 9.05 -28.72 12.73
N ASP A 65 9.93 -29.15 13.64
CA ASP A 65 10.20 -28.35 14.84
C ASP A 65 10.76 -26.97 14.49
N ARG A 66 11.57 -26.89 13.43
CA ARG A 66 12.08 -25.61 12.98
C ARG A 66 11.03 -24.77 12.28
N LEU A 67 10.00 -25.41 11.74
CA LEU A 67 8.96 -24.72 10.97
C LEU A 67 7.87 -24.16 11.86
N ARG A 68 7.45 -24.93 12.86
CA ARG A 68 6.32 -24.53 13.72
C ARG A 68 6.45 -23.11 14.26
N PRO A 69 7.60 -22.70 14.83
CA PRO A 69 7.66 -21.37 15.43
C PRO A 69 7.39 -20.22 14.48
N LEU A 70 7.41 -20.46 13.16
CA LEU A 70 7.22 -19.37 12.22
C LEU A 70 5.82 -18.78 12.27
N SER A 71 4.86 -19.48 12.88
CA SER A 71 3.50 -19.00 13.02
C SER A 71 3.23 -18.37 14.38
N TYR A 72 4.21 -18.32 15.27
CA TYR A 72 4.02 -17.89 16.65
C TYR A 72 4.01 -16.37 16.83
N PRO A 73 4.75 -15.58 16.04
CA PRO A 73 4.80 -14.14 16.29
C PRO A 73 3.42 -13.49 16.38
N GLN A 74 3.24 -12.65 17.41
CA GLN A 74 2.03 -11.88 17.65
C GLN A 74 0.83 -12.75 18.00
N THR A 75 1.05 -13.97 18.48
CA THR A 75 -0.05 -14.80 18.93
C THR A 75 -0.73 -14.19 20.15
N ASP A 76 -2.05 -14.27 20.19
CA ASP A 76 -2.84 -13.78 21.31
C ASP A 76 -3.26 -14.88 22.27
N VAL A 77 -3.39 -16.12 21.79
CA VAL A 77 -3.84 -17.23 22.63
C VAL A 77 -3.38 -18.52 21.98
N PHE A 78 -2.96 -19.47 22.81
CA PHE A 78 -2.48 -20.77 22.34
C PHE A 78 -3.48 -21.86 22.70
N LEU A 79 -3.54 -22.87 21.84
CA LEU A 79 -4.34 -24.07 22.08
C LEU A 79 -3.42 -25.28 22.05
N ILE A 80 -3.03 -25.75 23.22
CA ILE A 80 -2.24 -26.98 23.34
C ILE A 80 -3.22 -28.15 23.39
N CYS A 81 -3.06 -29.10 22.47
CA CYS A 81 -4.01 -30.18 22.30
C CYS A 81 -3.33 -31.52 22.51
N PHE A 82 -3.97 -32.36 23.31
CA PHE A 82 -3.64 -33.77 23.41
C PHE A 82 -4.91 -34.57 23.17
N SER A 83 -4.75 -35.86 22.92
CA SER A 83 -5.89 -36.74 22.65
C SER A 83 -6.26 -37.48 23.93
N LEU A 84 -7.56 -37.49 24.25
CA LEU A 84 -8.05 -38.18 25.44
C LEU A 84 -7.85 -39.68 25.36
N VAL A 85 -7.44 -40.21 24.21
CA VAL A 85 -7.23 -41.64 24.03
C VAL A 85 -5.78 -41.95 23.64
N SER A 86 -4.87 -40.99 23.82
CA SER A 86 -3.45 -41.19 23.58
C SER A 86 -2.68 -40.61 24.76
N PRO A 87 -2.49 -41.40 25.82
CA PRO A 87 -1.76 -40.87 27.00
C PRO A 87 -0.38 -40.34 26.67
N ALA A 88 0.25 -40.80 25.58
CA ALA A 88 1.56 -40.27 25.21
C ALA A 88 1.45 -38.81 24.80
N SER A 89 0.42 -38.45 24.03
CA SER A 89 0.23 -37.05 23.66
C SER A 89 -0.07 -36.20 24.88
N PHE A 90 -0.70 -36.77 25.90
CA PHE A 90 -0.93 -36.04 27.15
C PHE A 90 0.38 -35.76 27.87
N GLU A 91 1.32 -36.72 27.84
CA GLU A 91 2.60 -36.51 28.50
C GLU A 91 3.46 -35.49 27.77
N ASN A 92 3.28 -35.35 26.46
CA ASN A 92 4.05 -34.37 25.70
C ASN A 92 3.60 -32.94 25.94
N VAL A 93 2.47 -32.74 26.62
CA VAL A 93 2.02 -31.40 26.96
C VAL A 93 3.05 -30.72 27.85
N ARG A 94 3.48 -31.40 28.92
CA ARG A 94 4.50 -30.85 29.79
C ARG A 94 5.91 -31.10 29.26
N ALA A 95 6.10 -32.13 28.43
CA ALA A 95 7.43 -32.47 27.96
C ALA A 95 7.88 -31.58 26.81
N LYS A 96 7.00 -31.32 25.84
CA LYS A 96 7.37 -30.60 24.64
C LYS A 96 6.58 -29.31 24.44
N TRP A 97 5.25 -29.37 24.55
CA TRP A 97 4.43 -28.30 24.00
C TRP A 97 4.31 -27.09 24.92
N TYR A 98 4.20 -27.29 26.23
CA TYR A 98 4.22 -26.13 27.12
C TYR A 98 5.59 -25.47 27.16
N PRO A 99 6.69 -26.20 27.31
CA PRO A 99 8.01 -25.54 27.23
C PRO A 99 8.24 -24.80 25.93
N GLU A 100 7.68 -25.29 24.81
CA GLU A 100 7.87 -24.61 23.54
C GLU A 100 7.08 -23.30 23.49
N VAL A 101 5.81 -23.34 23.90
CA VAL A 101 5.02 -22.12 23.95
C VAL A 101 5.63 -21.13 24.94
N ARG A 102 5.99 -21.62 26.13
CA ARG A 102 6.61 -20.77 27.14
C ARG A 102 7.86 -20.09 26.58
N HIS A 103 8.69 -20.84 25.87
CA HIS A 103 9.96 -20.30 25.41
C HIS A 103 9.76 -19.17 24.41
N HIS A 104 8.80 -19.32 23.50
CA HIS A 104 8.62 -18.34 22.42
C HIS A 104 7.69 -17.20 22.81
N CYS A 105 6.59 -17.50 23.51
CA CYS A 105 5.56 -16.52 23.83
C CYS A 105 5.22 -16.58 25.31
N PRO A 106 6.12 -16.09 26.17
CA PRO A 106 5.78 -16.00 27.60
C PRO A 106 4.68 -14.97 27.82
N ASN A 107 3.85 -15.22 28.84
CA ASN A 107 2.77 -14.32 29.20
C ASN A 107 1.71 -14.27 28.10
N THR A 108 1.42 -15.42 27.50
CA THR A 108 0.39 -15.52 26.47
C THR A 108 -0.61 -16.59 26.88
N PRO A 109 -1.90 -16.29 26.94
CA PRO A 109 -2.87 -17.26 27.46
C PRO A 109 -2.76 -18.60 26.76
N ILE A 110 -2.97 -19.66 27.53
CA ILE A 110 -2.96 -21.04 27.04
C ILE A 110 -4.27 -21.69 27.46
N ILE A 111 -4.90 -22.40 26.53
CA ILE A 111 -6.04 -23.26 26.83
C ILE A 111 -5.65 -24.68 26.46
N LEU A 112 -5.76 -25.59 27.41
CA LEU A 112 -5.47 -27.00 27.19
C LEU A 112 -6.77 -27.69 26.77
N VAL A 113 -6.72 -28.35 25.61
CA VAL A 113 -7.90 -28.88 24.96
C VAL A 113 -7.85 -30.40 24.96
N GLY A 114 -8.97 -31.02 25.35
CA GLY A 114 -9.12 -32.46 25.29
C GLY A 114 -9.88 -32.87 24.04
N THR A 115 -9.19 -33.54 23.12
CA THR A 115 -9.74 -33.87 21.82
C THR A 115 -10.20 -35.33 21.77
N LYS A 116 -11.00 -35.64 20.75
CA LYS A 116 -11.52 -36.99 20.56
C LYS A 116 -12.26 -37.45 21.82
N LEU A 117 -13.19 -36.62 22.28
CA LEU A 117 -13.93 -36.92 23.50
C LEU A 117 -14.85 -38.12 23.32
N ASP A 118 -15.44 -38.26 22.14
CA ASP A 118 -16.37 -39.34 21.89
C ASP A 118 -15.71 -40.72 21.90
N LEU A 119 -14.39 -40.78 21.85
CA LEU A 119 -13.68 -42.06 21.85
C LEU A 119 -13.33 -42.56 23.24
N ARG A 120 -13.44 -41.70 24.27
CA ARG A 120 -13.14 -42.15 25.63
C ARG A 120 -14.21 -43.10 26.16
N ASP A 121 -15.43 -42.98 25.65
CA ASP A 121 -16.52 -43.87 26.03
C ASP A 121 -16.76 -44.99 25.03
N ASP A 122 -16.39 -44.79 23.76
CA ASP A 122 -16.53 -45.82 22.75
C ASP A 122 -15.78 -47.08 23.18
N LYS A 123 -16.53 -48.12 23.55
CA LYS A 123 -15.91 -49.32 24.11
C LYS A 123 -14.91 -49.93 23.13
N ASP A 124 -15.22 -49.90 21.84
CA ASP A 124 -14.33 -50.47 20.83
C ASP A 124 -12.96 -49.81 20.85
N THR A 125 -12.85 -48.60 21.40
CA THR A 125 -11.57 -47.92 21.54
C THR A 125 -10.94 -48.11 22.92
N ILE A 126 -11.75 -48.35 23.95
CA ILE A 126 -11.21 -48.49 25.30
C ILE A 126 -10.38 -49.77 25.40
N GLU A 127 -10.83 -50.85 24.76
CA GLU A 127 -10.12 -52.12 24.84
C GLU A 127 -8.81 -52.05 24.07
N LYS A 128 -8.77 -51.32 22.96
CA LYS A 128 -7.57 -51.22 22.16
C LYS A 128 -6.43 -50.53 22.90
N LEU A 129 -6.75 -49.73 23.92
CA LEU A 129 -5.71 -49.18 24.79
C LEU A 129 -5.34 -50.12 25.92
N LYS A 130 -6.25 -51.01 26.33
CA LYS A 130 -5.90 -52.02 27.31
C LYS A 130 -4.78 -52.91 26.79
N GLU A 131 -4.86 -53.35 25.54
CA GLU A 131 -3.83 -54.20 24.96
C GLU A 131 -2.48 -53.51 25.00
N LYS A 132 -2.45 -52.19 24.77
CA LYS A 132 -1.23 -51.40 24.87
C LYS A 132 -0.90 -51.03 26.31
N LYS A 133 -1.67 -51.53 27.27
CA LYS A 133 -1.44 -51.25 28.69
C LYS A 133 -1.57 -49.75 28.98
N LEU A 134 -2.61 -49.15 28.40
CA LEU A 134 -2.88 -47.73 28.55
C LEU A 134 -4.35 -47.52 28.83
N THR A 135 -4.68 -46.42 29.48
CA THR A 135 -6.05 -46.08 29.81
C THR A 135 -6.35 -44.63 29.45
N PRO A 136 -7.57 -44.32 29.01
CA PRO A 136 -7.87 -42.96 28.56
C PRO A 136 -7.62 -41.93 29.66
N ILE A 137 -7.50 -40.68 29.21
CA ILE A 137 -7.26 -39.57 30.13
C ILE A 137 -8.57 -39.14 30.75
N THR A 138 -8.59 -39.06 32.08
CA THR A 138 -9.76 -38.59 32.80
C THR A 138 -9.77 -37.06 32.84
N TYR A 139 -10.94 -36.52 33.17
CA TYR A 139 -11.09 -35.08 33.36
C TYR A 139 -10.09 -34.62 34.40
N PRO A 140 -10.12 -35.15 35.64
CA PRO A 140 -9.23 -34.59 36.67
C PRO A 140 -7.77 -34.57 36.29
N GLN A 141 -7.30 -35.56 35.52
CA GLN A 141 -5.91 -35.55 35.09
C GLN A 141 -5.62 -34.33 34.21
N GLY A 142 -6.55 -33.98 33.32
CA GLY A 142 -6.33 -32.82 32.47
C GLY A 142 -6.43 -31.51 33.23
N LEU A 143 -7.42 -31.39 34.11
CA LEU A 143 -7.54 -30.17 34.91
C LEU A 143 -6.33 -29.99 35.81
N ALA A 144 -5.73 -31.09 36.28
CA ALA A 144 -4.49 -30.99 37.04
C ALA A 144 -3.33 -30.56 36.14
N MET A 145 -3.30 -31.07 34.91
CA MET A 145 -2.29 -30.63 33.96
C MET A 145 -2.46 -29.15 33.61
N ALA A 146 -3.71 -28.69 33.52
CA ALA A 146 -3.96 -27.30 33.12
C ALA A 146 -3.36 -26.33 34.12
N LYS A 147 -3.67 -26.49 35.41
CA LYS A 147 -3.14 -25.61 36.43
C LYS A 147 -1.64 -25.81 36.61
N GLU A 148 -1.10 -26.94 36.16
CA GLU A 148 0.35 -27.15 36.22
C GLU A 148 1.07 -26.25 35.21
N ILE A 149 0.55 -26.17 33.98
CA ILE A 149 1.17 -25.35 32.96
C ILE A 149 0.63 -23.93 33.04
N GLY A 150 -0.19 -23.66 34.05
CA GLY A 150 -0.74 -22.34 34.22
C GLY A 150 -1.72 -21.93 33.14
N ALA A 151 -2.54 -22.87 32.68
CA ALA A 151 -3.51 -22.57 31.63
C ALA A 151 -4.76 -21.93 32.22
N VAL A 152 -5.41 -21.11 31.41
CA VAL A 152 -6.63 -20.43 31.85
C VAL A 152 -7.75 -21.43 32.06
N LYS A 153 -8.05 -22.23 31.03
CA LYS A 153 -9.13 -23.20 31.09
C LYS A 153 -8.61 -24.59 30.75
N TYR A 154 -9.41 -25.60 31.13
CA TYR A 154 -9.28 -26.95 30.61
C TYR A 154 -10.62 -27.35 30.02
N LEU A 155 -10.62 -27.65 28.72
CA LEU A 155 -11.85 -27.96 28.01
C LEU A 155 -11.70 -29.27 27.25
N GLU A 156 -12.79 -30.04 27.22
CA GLU A 156 -12.85 -31.26 26.45
C GLU A 156 -13.87 -31.09 25.33
N CYS A 157 -13.52 -31.58 24.15
CA CYS A 157 -14.40 -31.44 23.00
C CYS A 157 -14.18 -32.63 22.06
N SER A 158 -15.07 -32.75 21.09
CA SER A 158 -14.98 -33.75 20.03
C SER A 158 -15.26 -33.08 18.70
N ALA A 159 -14.34 -33.23 17.74
CA ALA A 159 -14.54 -32.65 16.42
C ALA A 159 -15.63 -33.38 15.66
N LEU A 160 -15.81 -34.68 15.90
CA LEU A 160 -16.75 -35.47 15.12
C LEU A 160 -18.19 -35.17 15.53
N THR A 161 -18.46 -35.15 16.84
CA THR A 161 -19.80 -34.85 17.34
C THR A 161 -19.99 -33.37 17.66
N GLN A 162 -18.93 -32.58 17.62
CA GLN A 162 -18.97 -31.14 17.91
C GLN A 162 -19.38 -30.84 19.34
N ARG A 163 -19.37 -31.84 20.22
CA ARG A 163 -19.68 -31.61 21.63
C ARG A 163 -18.58 -30.77 22.26
N GLY A 164 -18.96 -29.60 22.79
CA GLY A 164 -18.00 -28.73 23.42
C GLY A 164 -17.01 -28.06 22.48
N LEU A 165 -17.21 -28.19 21.17
CA LEU A 165 -16.29 -27.57 20.22
C LEU A 165 -16.41 -26.05 20.25
N LYS A 166 -17.63 -25.53 20.27
CA LYS A 166 -17.82 -24.09 20.27
C LYS A 166 -17.37 -23.46 21.59
N THR A 167 -17.27 -24.25 22.66
CA THR A 167 -16.78 -23.72 23.93
C THR A 167 -15.28 -23.48 23.88
N VAL A 168 -14.53 -24.39 23.25
CA VAL A 168 -13.08 -24.26 23.20
C VAL A 168 -12.68 -22.92 22.61
N PHE A 169 -13.43 -22.45 21.61
CA PHE A 169 -13.05 -21.24 20.90
C PHE A 169 -13.66 -19.98 21.50
N ASP A 170 -14.88 -20.07 22.03
CA ASP A 170 -15.42 -18.95 22.80
C ASP A 170 -14.52 -18.62 23.97
N GLU A 171 -14.09 -19.65 24.72
CA GLU A 171 -13.22 -19.43 25.86
C GLU A 171 -11.85 -18.89 25.43
N ALA A 172 -11.38 -19.27 24.25
CA ALA A 172 -10.11 -18.75 23.75
C ALA A 172 -10.19 -17.25 23.52
N ILE A 173 -11.34 -16.76 23.07
CA ILE A 173 -11.50 -15.34 22.82
C ILE A 173 -11.59 -14.58 24.14
N ARG A 174 -12.38 -15.10 25.10
CA ARG A 174 -12.55 -14.40 26.36
C ARG A 174 -11.22 -14.23 27.10
N ALA A 175 -10.30 -15.17 26.92
CA ALA A 175 -8.96 -15.04 27.49
C ALA A 175 -8.17 -13.90 26.86
N VAL A 176 -8.69 -13.28 25.79
CA VAL A 176 -8.01 -12.19 25.13
C VAL A 176 -8.70 -10.84 25.36
N LEU A 177 -10.02 -10.83 25.55
CA LEU A 177 -10.78 -9.58 25.66
C LEU A 177 -10.44 -8.84 26.96
N GLU B 5 12.22 -14.93 -25.89
CA GLU B 5 11.29 -13.84 -25.63
C GLU B 5 11.21 -13.52 -24.14
N LYS B 6 10.78 -14.50 -23.34
CA LYS B 6 10.88 -14.36 -21.89
C LYS B 6 12.34 -14.26 -21.47
N ASN B 7 13.22 -15.00 -22.15
CA ASN B 7 14.65 -14.87 -21.90
C ASN B 7 15.15 -13.48 -22.31
N GLN B 8 14.44 -12.80 -23.19
CA GLN B 8 14.83 -11.44 -23.56
C GLN B 8 14.62 -10.49 -22.38
N LYS B 9 13.44 -10.53 -21.76
CA LYS B 9 13.20 -9.72 -20.58
C LYS B 9 14.13 -10.12 -19.44
N TRP B 10 14.39 -11.43 -19.30
CA TRP B 10 15.30 -11.89 -18.27
C TRP B 10 16.65 -11.19 -18.39
N LEU B 11 17.25 -11.23 -19.58
CA LEU B 11 18.55 -10.62 -19.79
C LEU B 11 18.51 -9.12 -19.48
N GLU B 12 17.48 -8.43 -19.99
CA GLU B 12 17.36 -7.01 -19.72
C GLU B 12 17.33 -6.73 -18.23
N ILE B 13 16.58 -7.53 -17.47
CA ILE B 13 16.54 -7.37 -16.02
C ILE B 13 17.94 -7.54 -15.43
N LEU B 14 18.60 -8.65 -15.79
CA LEU B 14 19.92 -8.94 -15.24
C LEU B 14 20.87 -7.76 -15.39
N ASN B 15 20.76 -7.03 -16.51
CA ASN B 15 21.62 -5.89 -16.74
C ASN B 15 21.22 -4.68 -15.91
N LYS B 16 19.98 -4.64 -15.42
CA LYS B 16 19.54 -3.56 -14.55
C LYS B 16 19.78 -3.86 -13.08
N ILE B 17 20.26 -5.05 -12.74
CA ILE B 17 20.65 -5.37 -11.37
C ILE B 17 22.07 -4.85 -11.13
N GLU B 18 22.28 -4.22 -9.98
CA GLU B 18 23.60 -3.69 -9.65
C GLU B 18 24.61 -4.82 -9.50
N ASN B 19 25.87 -4.52 -9.81
CA ASN B 19 26.89 -5.55 -9.92
C ASN B 19 27.27 -6.11 -8.55
N LYS B 20 27.43 -5.25 -7.56
CA LYS B 20 27.94 -5.66 -6.25
C LYS B 20 26.85 -6.08 -5.28
N THR B 21 25.64 -6.33 -5.77
CA THR B 21 24.55 -6.68 -4.88
C THR B 21 24.68 -8.13 -4.42
N TYR B 22 24.08 -8.42 -3.28
CA TYR B 22 24.17 -9.75 -2.68
C TYR B 22 23.09 -9.88 -1.62
N THR B 23 22.97 -11.10 -1.09
CA THR B 23 22.09 -11.37 0.02
C THR B 23 22.58 -12.64 0.72
N LYS B 24 22.33 -12.73 2.02
CA LYS B 24 22.87 -13.80 2.84
C LYS B 24 21.83 -14.90 3.05
N LEU B 25 22.22 -16.14 2.74
CA LEU B 25 21.34 -17.27 2.99
C LEU B 25 21.37 -17.64 4.48
N LYS B 26 20.40 -18.46 4.88
CA LYS B 26 20.28 -18.83 6.28
C LYS B 26 21.52 -19.56 6.78
N ASN B 27 22.20 -20.31 5.91
CA ASN B 27 23.42 -21.00 6.29
C ASN B 27 24.65 -20.11 6.23
N GLY B 28 24.46 -18.78 6.23
CA GLY B 28 25.57 -17.85 6.20
C GLY B 28 26.22 -17.67 4.84
N HIS B 29 26.07 -18.63 3.94
CA HIS B 29 26.66 -18.51 2.61
C HIS B 29 25.99 -17.41 1.83
N VAL B 30 26.79 -16.60 1.13
CA VAL B 30 26.33 -15.39 0.48
C VAL B 30 26.04 -15.69 -1.00
N PHE B 31 24.94 -15.13 -1.49
CA PHE B 31 24.50 -15.33 -2.87
C PHE B 31 24.61 -14.00 -3.61
N ARG B 32 25.38 -13.99 -4.69
CA ARG B 32 25.71 -12.76 -5.40
C ARG B 32 25.15 -12.80 -6.83
N LYS B 33 25.08 -11.61 -7.43
CA LYS B 33 24.56 -11.48 -8.79
C LYS B 33 25.33 -12.37 -9.75
N GLN B 34 26.65 -12.45 -9.59
CA GLN B 34 27.46 -13.24 -10.51
C GLN B 34 26.90 -14.66 -10.67
N ALA B 35 26.37 -15.23 -9.59
CA ALA B 35 25.83 -16.58 -9.68
C ALA B 35 24.62 -16.66 -10.60
N LEU B 36 23.94 -15.55 -10.86
CA LEU B 36 22.80 -15.53 -11.75
C LEU B 36 23.19 -15.47 -13.23
N MET B 37 24.48 -15.51 -13.55
CA MET B 37 24.92 -15.45 -14.93
C MET B 37 25.67 -16.73 -15.33
N GLU B 40 22.10 -20.01 -18.02
CA GLU B 40 22.13 -20.62 -16.70
C GLU B 40 20.74 -20.57 -16.06
N ARG B 41 20.14 -19.39 -16.06
CA ARG B 41 18.82 -19.18 -15.48
C ARG B 41 17.77 -19.07 -16.57
N THR B 42 16.55 -19.47 -16.24
CA THR B 42 15.41 -19.34 -17.13
C THR B 42 14.28 -18.67 -16.37
N LEU B 43 13.81 -17.54 -16.90
CA LEU B 43 12.74 -16.78 -16.28
C LEU B 43 11.39 -17.40 -16.63
N LEU B 44 10.60 -17.66 -15.60
CA LEU B 44 9.25 -18.20 -15.78
C LEU B 44 8.18 -17.12 -15.71
N TYR B 45 8.26 -16.25 -14.70
CA TYR B 45 7.22 -15.24 -14.49
C TYR B 45 7.84 -14.04 -13.79
N ASP B 46 7.21 -12.89 -13.96
CA ASP B 46 7.67 -11.66 -13.32
C ASP B 46 6.47 -10.75 -13.08
N GLY B 47 6.37 -10.21 -11.87
CA GLY B 47 5.26 -9.34 -11.54
C GLY B 47 5.61 -8.45 -10.38
N LEU B 48 4.95 -7.29 -10.32
CA LEU B 48 5.11 -6.37 -9.21
C LEU B 48 4.18 -6.78 -8.08
N VAL B 49 4.74 -7.00 -6.89
CA VAL B 49 3.97 -7.37 -5.72
C VAL B 49 4.42 -6.50 -4.55
N TYR B 50 3.81 -6.72 -3.40
CA TYR B 50 4.16 -6.04 -2.16
C TYR B 50 4.56 -7.09 -1.12
N TRP B 51 5.62 -6.80 -0.38
CA TRP B 51 6.14 -7.67 0.66
C TRP B 51 5.76 -7.08 2.00
N LYS B 52 5.02 -7.84 2.81
CA LYS B 52 4.58 -7.37 4.11
C LYS B 52 5.66 -7.65 5.15
N THR B 53 6.09 -6.61 5.86
CA THR B 53 7.10 -6.74 6.89
C THR B 53 6.48 -7.23 8.18
N ALA B 54 7.35 -7.59 9.13
CA ALA B 54 6.86 -8.04 10.43
C ALA B 54 6.13 -6.92 11.16
N THR B 55 6.47 -5.67 10.87
CA THR B 55 5.80 -4.52 11.47
C THR B 55 4.56 -4.09 10.70
N GLY B 56 4.13 -4.86 9.71
CA GLY B 56 2.93 -4.56 8.98
C GLY B 56 3.08 -3.56 7.86
N ARG B 57 4.31 -3.20 7.49
CA ARG B 57 4.55 -2.32 6.36
C ARG B 57 4.61 -3.13 5.07
N PHE B 58 4.47 -2.45 3.94
CA PHE B 58 4.48 -3.08 2.63
C PHE B 58 5.60 -2.49 1.79
N LYS B 59 6.50 -3.34 1.33
CA LYS B 59 7.62 -2.93 0.49
C LYS B 59 7.33 -3.25 -0.97
N ASP B 60 7.65 -2.30 -1.84
CA ASP B 60 7.47 -2.51 -3.27
C ASP B 60 8.53 -3.47 -3.80
N ILE B 61 8.09 -4.55 -4.45
CA ILE B 61 8.97 -5.64 -4.85
C ILE B 61 8.69 -6.02 -6.30
N LEU B 62 9.75 -6.44 -6.99
CA LEU B 62 9.64 -7.12 -8.27
C LEU B 62 10.00 -8.59 -8.02
N ALA B 63 9.03 -9.47 -8.19
CA ALA B 63 9.22 -10.89 -7.97
C ALA B 63 9.51 -11.58 -9.30
N LEU B 64 10.58 -12.36 -9.34
CA LEU B 64 10.99 -13.10 -10.53
C LEU B 64 10.98 -14.58 -10.19
N LEU B 65 10.03 -15.32 -10.75
CA LEU B 65 10.00 -16.77 -10.63
C LEU B 65 10.88 -17.35 -11.71
N LEU B 66 11.99 -17.96 -11.31
CA LEU B 66 12.87 -18.69 -12.20
C LEU B 66 12.76 -20.18 -11.93
N THR B 67 13.43 -20.95 -12.76
CA THR B 67 14.02 -22.21 -12.33
C THR B 67 15.50 -21.91 -12.12
N ASP B 68 16.05 -22.23 -10.94
CA ASP B 68 15.47 -23.11 -9.92
C ASP B 68 15.11 -22.37 -8.63
N VAL B 69 14.96 -21.04 -8.70
CA VAL B 69 14.80 -20.22 -7.51
C VAL B 69 13.73 -19.15 -7.74
N LEU B 70 13.37 -18.48 -6.65
CA LEU B 70 12.49 -17.32 -6.67
C LEU B 70 13.29 -16.12 -6.15
N LEU B 71 13.11 -14.97 -6.80
CA LEU B 71 13.98 -13.81 -6.58
C LEU B 71 13.15 -12.56 -6.34
N PHE B 72 13.49 -11.83 -5.29
CA PHE B 72 12.83 -10.58 -4.92
C PHE B 72 13.79 -9.41 -5.14
N LEU B 73 13.30 -8.36 -5.80
CA LEU B 73 14.12 -7.21 -6.15
C LEU B 73 13.44 -5.92 -5.71
N GLN B 74 14.28 -4.91 -5.43
CA GLN B 74 13.81 -3.57 -5.10
C GLN B 74 14.38 -2.58 -6.11
N GLU B 75 13.77 -1.40 -6.16
CA GLU B 75 14.18 -0.35 -7.08
C GLU B 75 15.12 0.61 -6.34
N LYS B 76 16.35 0.71 -6.85
CA LYS B 76 17.33 1.68 -6.37
C LYS B 76 17.48 2.73 -7.47
N ASP B 77 16.49 3.61 -7.56
CA ASP B 77 16.41 4.60 -8.62
C ASP B 77 16.22 3.92 -9.97
N GLN B 78 17.27 3.86 -10.79
CA GLN B 78 17.14 3.32 -12.15
C GLN B 78 17.45 1.83 -12.22
N LYS B 79 18.19 1.28 -11.26
CA LYS B 79 18.60 -0.11 -11.28
C LYS B 79 17.84 -0.92 -10.23
N TYR B 80 18.11 -2.23 -10.22
CA TYR B 80 17.51 -3.16 -9.28
C TYR B 80 18.56 -3.65 -8.29
N ILE B 81 18.09 -4.08 -7.11
CA ILE B 81 18.93 -4.72 -6.11
C ILE B 81 18.15 -5.88 -5.50
N PHE B 82 18.89 -6.82 -4.93
CA PHE B 82 18.27 -7.85 -4.10
C PHE B 82 17.57 -7.22 -2.91
N ALA B 83 16.43 -7.79 -2.55
CA ALA B 83 15.61 -7.22 -1.49
C ALA B 83 16.30 -7.35 -0.13
N ALA B 84 16.26 -6.28 0.65
CA ALA B 84 16.80 -6.24 2.01
C ALA B 84 15.62 -5.91 2.93
N VAL B 85 14.85 -6.93 3.27
CA VAL B 85 13.61 -6.76 4.04
C VAL B 85 13.66 -7.73 5.22
N ASP B 86 13.57 -7.19 6.44
CA ASP B 86 13.54 -7.99 7.67
C ASP B 86 14.68 -9.00 7.74
N GLN B 87 15.78 -8.73 7.03
CA GLN B 87 16.97 -9.57 7.09
C GLN B 87 16.72 -10.98 6.56
N LYS B 88 15.64 -11.18 5.82
CA LYS B 88 15.38 -12.49 5.22
C LYS B 88 16.13 -12.64 3.90
N PRO B 89 16.46 -13.87 3.50
CA PRO B 89 17.06 -14.06 2.17
C PRO B 89 16.08 -13.68 1.07
N SER B 90 16.57 -12.90 0.10
CA SER B 90 15.75 -12.43 -1.00
C SER B 90 15.81 -13.34 -2.22
N VAL B 91 16.46 -14.49 -2.11
CA VAL B 91 16.44 -15.51 -3.15
C VAL B 91 16.04 -16.81 -2.49
N ILE B 92 14.93 -17.40 -2.94
CA ILE B 92 14.35 -18.58 -2.33
C ILE B 92 14.58 -19.76 -3.26
N SER B 93 15.10 -20.85 -2.72
CA SER B 93 15.22 -22.09 -3.47
C SER B 93 13.86 -22.76 -3.59
N LEU B 94 13.54 -23.22 -4.80
CA LEU B 94 12.27 -23.88 -5.05
C LEU B 94 12.22 -25.31 -4.53
N GLN B 95 13.34 -25.83 -4.00
CA GLN B 95 13.46 -27.25 -3.72
C GLN B 95 12.29 -27.77 -2.89
N LYS B 96 12.16 -27.30 -1.64
CA LYS B 96 11.06 -27.72 -0.78
C LYS B 96 10.17 -26.54 -0.45
N LEU B 97 9.78 -25.78 -1.47
CA LEU B 97 8.97 -24.58 -1.30
C LEU B 97 7.49 -24.93 -1.40
N ILE B 98 6.70 -24.33 -0.51
CA ILE B 98 5.25 -24.52 -0.48
C ILE B 98 4.60 -23.15 -0.45
N ALA B 99 3.29 -23.14 -0.75
CA ALA B 99 2.53 -21.91 -0.77
C ALA B 99 1.15 -22.14 -0.18
N ARG B 100 0.69 -21.18 0.60
CA ARG B 100 -0.64 -21.20 1.20
C ARG B 100 -1.28 -19.84 1.00
N GLU B 101 -2.61 -19.80 1.13
CA GLU B 101 -3.33 -18.55 1.00
C GLU B 101 -3.53 -17.92 2.37
N VAL B 102 -3.54 -16.58 2.38
CA VAL B 102 -3.75 -15.83 3.61
C VAL B 102 -5.25 -15.75 3.87
N ALA B 103 -5.68 -16.25 5.03
CA ALA B 103 -7.08 -16.17 5.40
C ALA B 103 -7.52 -14.71 5.54
N ASN B 104 -6.64 -13.86 6.07
CA ASN B 104 -6.99 -12.47 6.33
C ASN B 104 -7.24 -11.69 5.04
N GLU B 105 -6.56 -12.04 3.96
CA GLU B 105 -6.61 -11.28 2.71
C GLU B 105 -6.53 -12.24 1.54
N GLU B 106 -7.45 -12.11 0.59
CA GLU B 106 -7.46 -12.97 -0.58
C GLU B 106 -6.45 -12.56 -1.64
N ARG B 107 -5.87 -11.36 -1.53
CA ARG B 107 -4.79 -10.93 -2.41
C ARG B 107 -3.41 -11.37 -1.92
N GLY B 108 -3.33 -12.15 -0.85
CA GLY B 108 -2.06 -12.46 -0.22
C GLY B 108 -1.83 -13.96 -0.15
N MET B 109 -0.55 -14.33 -0.10
CA MET B 109 -0.13 -15.72 -0.04
C MET B 109 1.06 -15.86 0.89
N PHE B 110 1.11 -16.97 1.60
CA PHE B 110 2.28 -17.31 2.42
C PHE B 110 3.23 -18.19 1.63
N LEU B 111 4.52 -17.93 1.79
CA LEU B 111 5.57 -18.74 1.17
C LEU B 111 6.53 -19.17 2.26
N ILE B 112 6.65 -20.49 2.45
CA ILE B 112 7.53 -21.07 3.46
C ILE B 112 8.60 -21.87 2.73
N SER B 113 9.84 -21.44 2.85
CA SER B 113 10.97 -22.07 2.17
C SER B 113 11.77 -22.89 3.17
N ALA B 114 11.63 -24.22 3.09
CA ALA B 114 12.51 -25.10 3.84
C ALA B 114 13.94 -24.99 3.31
N SER B 115 14.91 -24.99 4.21
CA SER B 115 16.29 -24.78 3.84
C SER B 115 17.19 -25.68 4.70
N SER B 116 18.49 -25.61 4.43
CA SER B 116 19.45 -26.42 5.15
C SER B 116 19.75 -25.87 6.54
N ALA B 117 19.54 -24.58 6.76
CA ALA B 117 19.67 -23.97 8.07
C ALA B 117 18.31 -23.70 8.72
N GLY B 118 17.25 -24.32 8.21
CA GLY B 118 15.93 -24.17 8.75
C GLY B 118 15.03 -23.33 7.86
N PRO B 119 13.70 -23.45 8.04
CA PRO B 119 12.76 -22.74 7.16
C PRO B 119 12.81 -21.23 7.27
N GLU B 120 11.82 -20.58 6.65
CA GLU B 120 11.66 -19.13 6.62
C GLU B 120 10.35 -18.83 5.91
N MET B 121 9.62 -17.84 6.42
CA MET B 121 8.28 -17.52 5.94
C MET B 121 8.25 -16.14 5.31
N TYR B 122 7.45 -16.02 4.25
CA TYR B 122 7.26 -14.76 3.53
C TYR B 122 5.77 -14.54 3.29
N GLU B 123 5.35 -13.29 3.40
CA GLU B 123 3.98 -12.89 3.09
C GLU B 123 4.01 -11.90 1.94
N ILE B 124 3.27 -12.22 0.88
CA ILE B 124 3.29 -11.45 -0.36
C ILE B 124 1.86 -11.10 -0.72
N HIS B 125 1.62 -9.83 -1.04
CA HIS B 125 0.32 -9.36 -1.47
C HIS B 125 0.40 -8.91 -2.93
N THR B 126 -0.53 -9.40 -3.74
CA THR B 126 -0.61 -9.05 -5.15
C THR B 126 -1.70 -7.99 -5.33
N ASN B 127 -2.09 -7.76 -6.58
CA ASN B 127 -3.09 -6.76 -6.90
C ASN B 127 -4.51 -7.32 -6.94
N SER B 128 -4.68 -8.64 -6.89
CA SER B 128 -6.00 -9.23 -6.98
C SER B 128 -5.93 -10.69 -6.54
N LYS B 129 -7.10 -11.28 -6.32
CA LYS B 129 -7.18 -12.70 -6.02
C LYS B 129 -6.79 -13.55 -7.22
N GLU B 130 -7.14 -13.10 -8.43
CA GLU B 130 -6.72 -13.81 -9.63
C GLU B 130 -5.21 -13.85 -9.73
N GLU B 131 -4.54 -12.73 -9.41
CA GLU B 131 -3.08 -12.70 -9.45
C GLU B 131 -2.48 -13.62 -8.41
N ARG B 132 -2.99 -13.58 -7.17
CA ARG B 132 -2.52 -14.51 -6.16
C ARG B 132 -2.67 -15.95 -6.64
N ASN B 133 -3.86 -16.30 -7.13
CA ASN B 133 -4.10 -17.66 -7.59
C ASN B 133 -3.10 -18.04 -8.68
N ASN B 134 -2.87 -17.15 -9.64
CA ASN B 134 -1.91 -17.45 -10.69
C ASN B 134 -0.51 -17.63 -10.12
N TRP B 135 -0.13 -16.77 -9.16
CA TRP B 135 1.18 -16.90 -8.54
C TRP B 135 1.37 -18.25 -7.88
N MET B 136 0.32 -18.76 -7.23
CA MET B 136 0.46 -19.99 -6.45
C MET B 136 0.70 -21.20 -7.36
N ARG B 137 -0.17 -21.39 -8.37
CA ARG B 137 -0.01 -22.57 -9.21
C ARG B 137 1.21 -22.45 -10.11
N ARG B 138 1.59 -21.23 -10.48
CA ARG B 138 2.85 -21.04 -11.20
C ARG B 138 4.03 -21.51 -10.36
N ILE B 139 4.12 -21.01 -9.13
CA ILE B 139 5.17 -21.50 -8.22
C ILE B 139 4.99 -23.00 -7.97
N GLN B 140 3.75 -23.43 -7.76
CA GLN B 140 3.49 -24.86 -7.56
C GLN B 140 4.09 -25.69 -8.68
N GLN B 141 3.94 -25.23 -9.93
CA GLN B 141 4.42 -26.00 -11.06
C GLN B 141 5.93 -25.87 -11.25
N ALA B 142 6.50 -24.71 -10.89
CA ALA B 142 7.95 -24.58 -10.92
C ALA B 142 8.60 -25.53 -9.94
N VAL B 143 8.07 -25.61 -8.71
CA VAL B 143 8.59 -26.55 -7.72
C VAL B 143 8.45 -27.98 -8.22
N GLU B 144 7.33 -28.28 -8.87
CA GLU B 144 7.11 -29.64 -9.38
C GLU B 144 8.18 -30.03 -10.39
N SER B 145 8.51 -29.12 -11.31
CA SER B 145 9.49 -29.38 -12.35
C SER B 145 10.90 -28.94 -11.95
N CYS B 146 11.12 -28.60 -10.68
CA CYS B 146 12.46 -28.26 -10.25
C CYS B 146 13.18 -29.51 -9.76
N PRO B 147 14.39 -29.83 -10.28
CA PRO B 147 15.11 -31.01 -9.78
C PRO B 147 16.05 -30.69 -8.63
N PRO C 1 -17.57 4.83 -10.60
CA PRO C 1 -17.52 5.96 -11.54
C PRO C 1 -16.30 5.92 -12.44
N GLN C 2 -16.37 6.61 -13.58
CA GLN C 2 -15.29 6.63 -14.58
C GLN C 2 -14.45 7.87 -14.35
N ALA C 3 -13.24 7.69 -13.83
CA ALA C 3 -12.36 8.81 -13.57
C ALA C 3 -12.00 9.53 -14.86
N ILE C 4 -12.19 10.85 -14.86
CA ILE C 4 -11.84 11.69 -16.01
C ILE C 4 -11.14 12.93 -15.47
N LYS C 5 -9.91 13.17 -15.91
CA LYS C 5 -9.11 14.29 -15.42
C LYS C 5 -9.27 15.47 -16.36
N CYS C 6 -9.48 16.66 -15.79
CA CYS C 6 -9.62 17.90 -16.54
C CYS C 6 -8.66 18.94 -15.99
N VAL C 7 -7.77 19.44 -16.84
CA VAL C 7 -6.84 20.50 -16.49
C VAL C 7 -7.31 21.77 -17.18
N VAL C 8 -7.30 22.88 -16.44
CA VAL C 8 -7.76 24.17 -16.94
C VAL C 8 -6.56 25.12 -16.96
N VAL C 9 -6.27 25.67 -18.14
CA VAL C 9 -5.13 26.58 -18.32
C VAL C 9 -5.62 27.83 -19.02
N GLY C 10 -4.76 28.84 -19.02
CA GLY C 10 -5.08 30.14 -19.59
C GLY C 10 -4.29 31.23 -18.90
N ASP C 11 -4.37 32.42 -19.47
CA ASP C 11 -3.64 33.56 -18.93
C ASP C 11 -4.07 33.83 -17.49
N GLY C 12 -3.30 34.69 -16.82
CA GLY C 12 -3.58 35.01 -15.43
C GLY C 12 -4.82 35.88 -15.30
N ALA C 13 -5.69 35.51 -14.37
CA ALA C 13 -6.89 36.29 -14.05
C ALA C 13 -7.91 36.27 -15.18
N VAL C 14 -7.97 35.18 -15.95
CA VAL C 14 -9.03 35.04 -16.94
C VAL C 14 -10.31 34.48 -16.33
N GLY C 15 -10.27 34.03 -15.08
CA GLY C 15 -11.44 33.52 -14.41
C GLY C 15 -11.52 32.02 -14.27
N LYS C 16 -10.37 31.32 -14.30
CA LYS C 16 -10.39 29.87 -14.19
C LYS C 16 -10.91 29.43 -12.84
N THR C 17 -10.29 29.92 -11.76
CA THR C 17 -10.65 29.45 -10.42
C THR C 17 -12.12 29.70 -10.14
N CYS C 18 -12.61 30.92 -10.40
CA CYS C 18 -14.03 31.20 -10.23
C CYS C 18 -14.87 30.27 -11.08
N LEU C 19 -14.54 30.18 -12.37
CA LEU C 19 -15.17 29.19 -13.23
C LEU C 19 -15.14 27.82 -12.60
N LEU C 20 -14.01 27.44 -12.01
CA LEU C 20 -13.91 26.14 -11.34
C LEU C 20 -14.75 26.11 -10.07
N ILE C 21 -14.47 27.01 -9.13
CA ILE C 21 -15.18 27.00 -7.85
C ILE C 21 -16.68 27.16 -8.07
N SER C 22 -17.07 28.05 -8.98
CA SER C 22 -18.50 28.33 -9.16
C SER C 22 -19.26 27.09 -9.63
N TYR C 23 -18.62 26.21 -10.40
CA TYR C 23 -19.31 25.04 -10.91
C TYR C 23 -19.48 23.96 -9.85
N THR C 24 -18.48 23.79 -8.98
CA THR C 24 -18.52 22.72 -7.99
C THR C 24 -19.26 23.13 -6.72
N THR C 25 -19.09 24.36 -6.25
CA THR C 25 -19.66 24.80 -4.98
C THR C 25 -20.88 25.69 -5.16
N ASN C 26 -21.13 26.22 -6.35
CA ASN C 26 -22.22 27.16 -6.60
C ASN C 26 -22.08 28.42 -5.76
N ALA C 27 -20.86 28.74 -5.34
CA ALA C 27 -20.57 29.96 -4.58
C ALA C 27 -19.36 30.64 -5.21
N PHE C 28 -19.49 31.94 -5.46
CA PHE C 28 -18.40 32.69 -6.04
C PHE C 28 -17.34 33.00 -4.98
N PRO C 29 -16.05 32.91 -5.30
CA PRO C 29 -15.03 33.19 -4.30
C PRO C 29 -15.02 34.67 -3.91
N GLY C 30 -14.83 34.93 -2.63
CA GLY C 30 -14.92 36.29 -2.14
C GLY C 30 -13.82 37.18 -2.67
N GLU C 31 -12.58 36.68 -2.71
CA GLU C 31 -11.43 37.49 -3.06
C GLU C 31 -10.58 36.79 -4.10
N TYR C 32 -9.74 37.58 -4.76
CA TYR C 32 -8.93 37.09 -5.86
C TYR C 32 -8.04 35.92 -5.62
N ILE C 33 -6.96 36.13 -4.89
CA ILE C 33 -5.98 35.03 -4.58
C ILE C 33 -5.40 34.28 -5.78
N PRO C 34 -4.42 34.81 -6.50
CA PRO C 34 -3.90 34.09 -7.68
C PRO C 34 -3.40 32.71 -7.27
N THR C 35 -3.86 31.69 -8.01
CA THR C 35 -3.58 30.31 -7.62
C THR C 35 -2.18 29.89 -8.09
N VAL C 36 -1.62 28.92 -7.36
CA VAL C 36 -0.36 28.29 -7.69
C VAL C 36 -0.55 26.82 -8.03
N PHE C 37 -1.38 26.13 -7.26
CA PHE C 37 -1.83 24.77 -7.59
C PHE C 37 -3.03 24.46 -6.71
N ASP C 38 -4.08 23.90 -7.30
CA ASP C 38 -5.27 23.52 -6.55
C ASP C 38 -5.92 22.33 -7.24
N ASN C 39 -6.49 21.45 -6.42
CA ASN C 39 -7.13 20.24 -6.91
C ASN C 39 -8.55 20.17 -6.38
N TYR C 40 -9.49 19.84 -7.26
CA TYR C 40 -10.90 19.73 -6.92
C TYR C 40 -11.48 18.50 -7.59
N SER C 41 -12.66 18.07 -7.10
CA SER C 41 -13.34 16.94 -7.69
C SER C 41 -14.84 17.10 -7.50
N ALA C 42 -15.60 16.52 -8.43
CA ALA C 42 -17.05 16.56 -8.38
C ALA C 42 -17.60 15.34 -9.12
N ASN C 43 -18.76 14.86 -8.67
CA ASN C 43 -19.43 13.72 -9.27
C ASN C 43 -20.73 14.21 -9.91
N VAL C 44 -20.80 14.12 -11.24
CA VAL C 44 -21.97 14.54 -11.99
C VAL C 44 -22.35 13.41 -12.95
N MET C 45 -23.57 13.51 -13.49
CA MET C 45 -24.09 12.54 -14.45
C MET C 45 -24.18 13.22 -15.81
N VAL C 46 -23.52 12.63 -16.80
CA VAL C 46 -23.55 13.11 -18.18
C VAL C 46 -23.96 11.95 -19.08
N ASP C 47 -25.10 12.10 -19.75
CA ASP C 47 -25.63 11.06 -20.63
C ASP C 47 -25.88 9.77 -19.86
N GLY C 48 -26.28 9.88 -18.59
CA GLY C 48 -26.57 8.72 -17.75
C GLY C 48 -25.34 8.04 -17.17
N LYS C 49 -24.14 8.56 -17.42
CA LYS C 49 -22.91 7.93 -16.96
C LYS C 49 -22.42 8.60 -15.68
N PRO C 50 -22.17 7.86 -14.59
CA PRO C 50 -21.57 8.47 -13.40
C PRO C 50 -20.07 8.69 -13.61
N VAL C 51 -19.63 9.94 -13.47
CA VAL C 51 -18.26 10.34 -13.76
C VAL C 51 -17.67 11.01 -12.52
N ASN C 52 -16.53 10.51 -12.07
CA ASN C 52 -15.74 11.16 -11.03
C ASN C 52 -14.74 12.09 -11.71
N LEU C 53 -15.01 13.40 -11.65
CA LEU C 53 -14.28 14.39 -12.41
C LEU C 53 -13.24 15.06 -11.52
N GLY C 54 -11.96 14.91 -11.88
CA GLY C 54 -10.88 15.59 -11.20
C GLY C 54 -10.55 16.89 -11.92
N LEU C 55 -10.43 17.96 -11.14
CA LEU C 55 -10.21 19.30 -11.67
C LEU C 55 -8.90 19.86 -11.13
N TRP C 56 -8.09 20.41 -12.02
CA TRP C 56 -6.73 20.84 -11.69
C TRP C 56 -6.56 22.30 -12.14
N ASP C 57 -6.61 23.22 -11.17
CA ASP C 57 -6.40 24.63 -11.45
C ASP C 57 -4.90 24.91 -11.59
N THR C 58 -4.57 25.85 -12.47
CA THR C 58 -3.18 26.18 -12.76
C THR C 58 -2.97 27.69 -12.65
N ALA C 59 -1.69 28.07 -12.53
CA ALA C 59 -1.30 29.47 -12.42
C ALA C 59 -1.02 30.02 -13.81
N GLY C 60 -1.76 31.07 -14.19
CA GLY C 60 -1.59 31.70 -15.48
C GLY C 60 -0.47 32.71 -15.55
N GLN C 61 0.35 32.82 -14.51
CA GLN C 61 1.48 33.73 -14.51
C GLN C 61 2.70 33.07 -15.13
N GLU C 62 3.56 33.90 -15.74
CA GLU C 62 4.78 33.37 -16.36
C GLU C 62 5.74 32.81 -15.33
N ASP C 63 5.69 33.30 -14.10
CA ASP C 63 6.62 32.83 -13.07
C ASP C 63 6.47 31.35 -12.80
N TYR C 64 5.31 30.77 -13.09
CA TYR C 64 5.03 29.36 -12.82
C TYR C 64 5.00 28.53 -14.10
N ASP C 65 5.74 28.95 -15.12
CA ASP C 65 5.83 28.16 -16.35
C ASP C 65 6.41 26.78 -16.07
N ARG C 66 7.34 26.68 -15.13
CA ARG C 66 7.92 25.39 -14.75
C ARG C 66 6.98 24.57 -13.86
N LEU C 67 6.03 25.23 -13.20
CA LEU C 67 5.09 24.56 -12.30
C LEU C 67 3.88 24.00 -13.03
N ARG C 68 3.41 24.69 -14.07
CA ARG C 68 2.16 24.31 -14.72
C ARG C 68 2.19 22.89 -15.28
N PRO C 69 3.24 22.44 -15.97
CA PRO C 69 3.20 21.10 -16.58
C PRO C 69 3.13 19.95 -15.59
N LEU C 70 3.27 20.20 -14.28
CA LEU C 70 3.24 19.13 -13.30
C LEU C 70 1.82 18.63 -13.02
N SER C 71 0.80 19.31 -13.54
CA SER C 71 -0.57 18.85 -13.46
C SER C 71 -1.05 18.20 -14.76
N TYR C 72 -0.17 18.08 -15.76
CA TYR C 72 -0.54 17.64 -17.10
C TYR C 72 -0.62 16.12 -17.25
N PRO C 73 0.29 15.34 -16.66
CA PRO C 73 0.30 13.90 -16.93
C PRO C 73 -1.05 13.23 -16.72
N GLN C 74 -1.38 12.31 -17.61
CA GLN C 74 -2.61 11.52 -17.56
C GLN C 74 -3.87 12.36 -17.73
N THR C 75 -3.76 13.53 -18.34
CA THR C 75 -4.93 14.36 -18.58
C THR C 75 -5.82 13.75 -19.66
N ASP C 76 -7.13 13.84 -19.47
CA ASP C 76 -8.11 13.38 -20.45
C ASP C 76 -8.70 14.52 -21.29
N VAL C 77 -8.67 15.75 -20.79
CA VAL C 77 -9.29 16.87 -21.49
C VAL C 77 -8.70 18.17 -20.95
N PHE C 78 -8.49 19.12 -21.84
CA PHE C 78 -7.91 20.42 -21.52
C PHE C 78 -8.95 21.52 -21.73
N LEU C 79 -8.94 22.51 -20.84
CA LEU C 79 -9.79 23.69 -20.95
C LEU C 79 -8.88 24.91 -21.04
N ILE C 80 -8.57 25.34 -22.26
CA ILE C 80 -7.82 26.57 -22.48
C ILE C 80 -8.78 27.75 -22.36
N CYS C 81 -8.46 28.71 -21.50
CA CYS C 81 -9.38 29.78 -21.15
C CYS C 81 -8.81 31.12 -21.57
N PHE C 82 -9.65 31.93 -22.22
CA PHE C 82 -9.37 33.34 -22.46
C PHE C 82 -10.60 34.15 -22.06
N SER C 83 -10.40 35.44 -21.85
CA SER C 83 -11.47 36.33 -21.44
C SER C 83 -12.03 37.05 -22.66
N LEU C 84 -13.37 37.08 -22.77
CA LEU C 84 -14.01 37.80 -23.87
C LEU C 84 -13.89 39.31 -23.75
N VAL C 85 -13.35 39.81 -22.63
CA VAL C 85 -13.10 41.23 -22.44
C VAL C 85 -11.62 41.54 -22.31
N SER C 86 -10.75 40.59 -22.65
CA SER C 86 -9.30 40.79 -22.64
C SER C 86 -8.75 40.24 -23.95
N PRO C 87 -8.64 41.08 -24.99
CA PRO C 87 -8.14 40.58 -26.28
C PRO C 87 -6.70 40.09 -26.23
N ALA C 88 -5.92 40.51 -25.23
CA ALA C 88 -4.55 40.00 -25.12
C ALA C 88 -4.52 38.56 -24.68
N SER C 89 -5.47 38.14 -23.83
CA SER C 89 -5.56 36.75 -23.42
C SER C 89 -6.07 35.87 -24.55
N PHE C 90 -6.92 36.42 -25.43
CA PHE C 90 -7.38 35.66 -26.59
C PHE C 90 -6.26 35.42 -27.59
N GLU C 91 -5.27 36.31 -27.63
CA GLU C 91 -4.11 36.12 -28.50
C GLU C 91 -3.11 35.14 -27.94
N ASN C 92 -3.10 34.92 -26.63
CA ASN C 92 -2.20 33.95 -26.01
C ASN C 92 -2.71 32.52 -26.13
N VAL C 93 -3.93 32.32 -26.63
CA VAL C 93 -4.42 30.97 -26.88
C VAL C 93 -3.55 30.29 -27.93
N ARG C 94 -3.26 31.00 -29.02
CA ARG C 94 -2.41 30.46 -30.08
C ARG C 94 -0.93 30.74 -29.85
N ALA C 95 -0.59 31.74 -29.03
CA ALA C 95 0.79 32.12 -28.83
C ALA C 95 1.47 31.35 -27.69
N LYS C 96 0.71 30.82 -26.74
CA LYS C 96 1.31 30.14 -25.60
C LYS C 96 0.54 28.89 -25.18
N TRP C 97 -0.77 29.00 -25.00
CA TRP C 97 -1.50 27.97 -24.27
C TRP C 97 -1.75 26.73 -25.09
N TYR C 98 -2.10 26.87 -26.38
CA TYR C 98 -2.23 25.67 -27.20
C TYR C 98 -0.87 25.06 -27.50
N PRO C 99 0.16 25.82 -27.89
CA PRO C 99 1.47 25.20 -28.09
C PRO C 99 1.99 24.46 -26.86
N GLU C 100 1.63 24.92 -25.67
CA GLU C 100 2.05 24.23 -24.45
C GLU C 100 1.28 22.93 -24.26
N VAL C 101 -0.04 22.97 -24.45
CA VAL C 101 -0.84 21.74 -24.38
C VAL C 101 -0.43 20.78 -25.48
N ARG C 102 -0.24 21.30 -26.70
CA ARG C 102 0.16 20.46 -27.82
C ARG C 102 1.49 19.77 -27.56
N HIS C 103 2.46 20.51 -26.99
CA HIS C 103 3.78 19.95 -26.77
C HIS C 103 3.75 18.84 -25.73
N HIS C 104 3.02 19.06 -24.62
CA HIS C 104 3.05 18.10 -23.53
C HIS C 104 2.09 16.94 -23.75
N CYS C 105 0.87 17.23 -24.21
CA CYS C 105 -0.17 16.21 -24.35
C CYS C 105 -0.81 16.29 -25.73
N PRO C 106 -0.17 15.70 -26.74
CA PRO C 106 -0.81 15.60 -28.05
C PRO C 106 -1.92 14.55 -28.04
N ASN C 107 -2.88 14.74 -28.94
CA ASN C 107 -4.02 13.84 -29.08
C ASN C 107 -4.89 13.85 -27.83
N THR C 108 -4.93 14.99 -27.15
CA THR C 108 -5.75 15.14 -25.95
C THR C 108 -6.83 16.17 -26.22
N PRO C 109 -8.11 15.85 -26.03
CA PRO C 109 -9.18 16.81 -26.36
C PRO C 109 -8.94 18.18 -25.74
N ILE C 110 -9.29 19.21 -26.49
CA ILE C 110 -9.20 20.61 -26.04
C ILE C 110 -10.57 21.24 -26.22
N ILE C 111 -11.01 21.98 -25.21
CA ILE C 111 -12.23 22.79 -25.29
C ILE C 111 -11.85 24.23 -24.95
N LEU C 112 -12.04 25.13 -25.91
CA LEU C 112 -11.74 26.54 -25.73
C LEU C 112 -12.93 27.21 -25.04
N VAL C 113 -12.68 27.82 -23.88
CA VAL C 113 -13.74 28.33 -23.02
C VAL C 113 -13.76 29.84 -23.11
N GLY C 114 -14.96 30.39 -23.31
CA GLY C 114 -15.16 31.82 -23.24
C GLY C 114 -15.68 32.23 -21.87
N THR C 115 -14.87 32.96 -21.12
CA THR C 115 -15.18 33.32 -19.75
C THR C 115 -15.59 34.80 -19.68
N LYS C 116 -16.13 35.18 -18.53
CA LYS C 116 -16.63 36.53 -18.31
C LYS C 116 -17.56 36.94 -19.45
N LEU C 117 -18.58 36.10 -19.69
CA LEU C 117 -19.54 36.36 -20.75
C LEU C 117 -20.49 37.49 -20.38
N ASP C 118 -20.72 37.72 -19.09
CA ASP C 118 -21.64 38.76 -18.64
C ASP C 118 -21.04 40.15 -18.68
N LEU C 119 -19.75 40.30 -19.01
CA LEU C 119 -19.12 41.60 -19.12
C LEU C 119 -19.00 42.10 -20.56
N ARG C 120 -19.29 41.25 -21.54
CA ARG C 120 -19.25 41.69 -22.94
C ARG C 120 -20.41 42.62 -23.27
N ASP C 121 -21.54 42.46 -22.57
CA ASP C 121 -22.71 43.30 -22.78
C ASP C 121 -22.86 44.39 -21.74
N ASP C 122 -22.28 44.21 -20.55
CA ASP C 122 -22.25 45.26 -19.54
C ASP C 122 -21.57 46.50 -20.09
N LYS C 123 -22.33 47.57 -20.26
CA LYS C 123 -21.82 48.75 -20.96
C LYS C 123 -20.64 49.38 -20.23
N ASP C 124 -20.63 49.29 -18.90
CA ASP C 124 -19.55 49.91 -18.13
C ASP C 124 -18.20 49.30 -18.44
N THR C 125 -18.16 48.07 -18.94
CA THR C 125 -16.89 47.42 -19.29
C THR C 125 -16.54 47.60 -20.77
N ILE C 126 -17.55 47.74 -21.63
CA ILE C 126 -17.28 47.92 -23.06
C ILE C 126 -16.52 49.22 -23.30
N GLU C 127 -16.83 50.25 -22.49
CA GLU C 127 -16.17 51.54 -22.64
C GLU C 127 -14.72 51.47 -22.17
N LYS C 128 -14.48 50.78 -21.05
CA LYS C 128 -13.13 50.72 -20.49
C LYS C 128 -12.15 50.03 -21.43
N LEU C 129 -12.64 49.26 -22.39
CA LEU C 129 -11.78 48.71 -23.43
C LEU C 129 -11.62 49.67 -24.61
N LYS C 130 -12.60 50.55 -24.84
CA LYS C 130 -12.44 51.56 -25.88
C LYS C 130 -11.25 52.48 -25.57
N GLU C 131 -11.13 52.92 -24.31
CA GLU C 131 -10.01 53.78 -23.94
C GLU C 131 -8.68 53.11 -24.22
N LYS C 132 -8.62 51.79 -24.07
CA LYS C 132 -7.41 51.03 -24.36
C LYS C 132 -7.32 50.62 -25.83
N LYS C 133 -8.25 51.10 -26.66
CA LYS C 133 -8.25 50.78 -28.10
C LYS C 133 -8.39 49.29 -28.31
N LEU C 134 -9.35 48.69 -27.60
CA LEU C 134 -9.61 47.26 -27.66
C LEU C 134 -11.11 47.03 -27.65
N THR C 135 -11.53 45.93 -28.28
CA THR C 135 -12.95 45.59 -28.35
C THR C 135 -13.14 44.14 -27.92
N PRO C 136 -14.24 43.82 -27.23
CA PRO C 136 -14.44 42.45 -26.76
C PRO C 136 -14.38 41.43 -27.89
N ILE C 137 -14.18 40.17 -27.50
CA ILE C 137 -14.10 39.08 -28.45
C ILE C 137 -15.51 38.65 -28.82
N THR C 138 -15.75 38.49 -30.12
CA THR C 138 -17.06 38.07 -30.61
C THR C 138 -17.13 36.54 -30.69
N TYR C 139 -18.37 36.04 -30.80
CA TYR C 139 -18.57 34.61 -30.97
C TYR C 139 -17.81 34.06 -32.17
N PRO C 140 -17.89 34.67 -33.37
CA PRO C 140 -17.16 34.11 -34.51
C PRO C 140 -15.65 34.09 -34.34
N GLN C 141 -15.08 35.09 -33.64
CA GLN C 141 -13.63 35.12 -33.47
C GLN C 141 -13.14 33.91 -32.68
N GLY C 142 -13.91 33.47 -31.70
CA GLY C 142 -13.51 32.34 -30.88
C GLY C 142 -13.74 31.00 -31.55
N LEU C 143 -14.89 30.83 -32.20
CA LEU C 143 -15.13 29.62 -32.96
C LEU C 143 -14.13 29.48 -34.09
N ALA C 144 -13.66 30.60 -34.64
CA ALA C 144 -12.58 30.57 -35.62
C ALA C 144 -11.23 30.28 -34.96
N MET C 145 -11.09 30.57 -33.67
CA MET C 145 -9.91 30.18 -32.92
C MET C 145 -9.97 28.72 -32.48
N ALA C 146 -11.17 28.15 -32.38
CA ALA C 146 -11.33 26.78 -31.89
C ALA C 146 -10.92 25.76 -32.94
N LYS C 147 -11.40 25.92 -34.17
CA LYS C 147 -11.04 25.01 -35.24
C LYS C 147 -9.61 25.21 -35.73
N GLU C 148 -8.96 26.31 -35.32
CA GLU C 148 -7.56 26.53 -35.66
C GLU C 148 -6.64 25.67 -34.79
N ILE C 149 -6.89 25.65 -33.49
CA ILE C 149 -6.09 24.85 -32.57
C ILE C 149 -6.65 23.42 -32.53
N GLY C 150 -7.60 23.13 -33.41
CA GLY C 150 -8.19 21.80 -33.48
C GLY C 150 -8.99 21.43 -32.24
N ALA C 151 -9.75 22.37 -31.69
CA ALA C 151 -10.55 22.08 -30.51
C ALA C 151 -11.87 21.43 -30.90
N VAL C 152 -12.39 20.61 -29.98
CA VAL C 152 -13.66 19.94 -30.23
C VAL C 152 -14.81 20.94 -30.28
N LYS C 153 -14.94 21.75 -29.23
CA LYS C 153 -16.02 22.71 -29.09
C LYS C 153 -15.47 24.11 -28.93
N TYR C 154 -16.37 25.08 -28.98
CA TYR C 154 -16.11 26.44 -28.48
C TYR C 154 -17.33 26.89 -27.70
N LEU C 155 -17.14 27.27 -26.45
CA LEU C 155 -18.23 27.55 -25.53
C LEU C 155 -17.97 28.85 -24.80
N GLU C 156 -19.05 29.61 -24.58
CA GLU C 156 -19.00 30.84 -23.80
C GLU C 156 -19.77 30.64 -22.51
N CYS C 157 -19.17 31.04 -21.39
CA CYS C 157 -19.79 30.88 -20.09
C CYS C 157 -19.44 32.06 -19.20
N SER C 158 -20.15 32.17 -18.09
CA SER C 158 -19.89 33.18 -17.08
C SER C 158 -19.89 32.50 -15.71
N ALA C 159 -18.84 32.73 -14.93
CA ALA C 159 -18.74 32.13 -13.61
C ALA C 159 -19.61 32.84 -12.58
N LEU C 160 -20.00 34.09 -12.84
CA LEU C 160 -20.81 34.84 -11.90
C LEU C 160 -22.31 34.58 -12.08
N THR C 161 -22.79 34.56 -13.33
CA THR C 161 -24.19 34.24 -13.61
C THR C 161 -24.41 32.77 -13.92
N GLN C 162 -23.34 31.96 -13.96
CA GLN C 162 -23.43 30.53 -14.26
C GLN C 162 -24.13 30.27 -15.58
N ARG C 163 -24.21 31.26 -16.45
CA ARG C 163 -24.77 31.05 -17.79
C ARG C 163 -23.82 30.19 -18.60
N GLY C 164 -24.32 29.06 -19.11
CA GLY C 164 -23.49 28.17 -19.89
C GLY C 164 -22.30 27.62 -19.13
N LEU C 165 -22.34 27.63 -17.80
CA LEU C 165 -21.25 27.06 -17.03
C LEU C 165 -21.34 25.56 -16.93
N LYS C 166 -22.56 25.00 -16.93
CA LYS C 166 -22.73 23.55 -16.93
C LYS C 166 -22.51 22.93 -18.30
N THR C 167 -22.46 23.75 -19.35
CA THR C 167 -22.20 23.25 -20.69
C THR C 167 -20.70 23.02 -20.93
N VAL C 168 -19.86 23.92 -20.43
CA VAL C 168 -18.42 23.80 -20.65
C VAL C 168 -17.89 22.48 -20.12
N PHE C 169 -18.50 21.96 -19.05
CA PHE C 169 -18.01 20.75 -18.41
C PHE C 169 -18.80 19.51 -18.79
N ASP C 170 -20.09 19.66 -19.11
CA ASP C 170 -20.82 18.56 -19.74
C ASP C 170 -20.22 18.20 -21.09
N GLU C 171 -19.71 19.19 -21.82
CA GLU C 171 -19.05 18.94 -23.09
C GLU C 171 -17.61 18.47 -22.93
N ALA C 172 -16.99 18.73 -21.77
CA ALA C 172 -15.65 18.22 -21.53
C ALA C 172 -15.66 16.74 -21.18
N ILE C 173 -16.78 16.24 -20.66
CA ILE C 173 -16.89 14.81 -20.37
C ILE C 173 -17.18 14.02 -21.64
N ARG C 174 -18.12 14.51 -22.47
CA ARG C 174 -18.47 13.79 -23.69
C ARG C 174 -17.26 13.63 -24.60
N ALA C 175 -16.34 14.59 -24.59
CA ALA C 175 -15.12 14.47 -25.38
C ALA C 175 -14.15 13.43 -24.82
N VAL C 176 -14.53 12.68 -23.79
CA VAL C 176 -13.68 11.64 -23.22
C VAL C 176 -14.40 10.31 -23.32
N LEU C 177 -15.71 10.33 -23.19
CA LEU C 177 -16.50 9.10 -23.20
C LEU C 177 -16.35 8.35 -24.52
N GLU D 5 14.14 16.43 23.68
CA GLU D 5 13.64 15.06 23.59
C GLU D 5 13.51 14.62 22.14
N LYS D 6 12.75 15.37 21.35
CA LYS D 6 12.67 15.10 19.92
C LYS D 6 14.02 15.30 19.23
N ASN D 7 14.93 16.04 19.87
CA ASN D 7 16.29 16.13 19.35
C ASN D 7 17.07 14.84 19.58
N GLN D 8 16.68 14.06 20.60
CA GLN D 8 17.33 12.78 20.82
C GLN D 8 17.04 11.82 19.67
N LYS D 9 15.75 11.67 19.32
CA LYS D 9 15.39 10.81 18.21
C LYS D 9 16.08 11.25 16.92
N TRP D 10 16.24 12.56 16.74
CA TRP D 10 16.90 13.06 15.54
C TRP D 10 18.32 12.52 15.43
N LEU D 11 19.08 12.62 16.52
CA LEU D 11 20.47 12.16 16.49
C LEU D 11 20.55 10.65 16.28
N GLU D 12 19.63 9.90 16.87
CA GLU D 12 19.61 8.45 16.66
C GLU D 12 19.30 8.13 15.20
N ILE D 13 18.44 8.93 14.56
CA ILE D 13 18.15 8.73 13.15
C ILE D 13 19.39 9.05 12.31
N LEU D 14 20.01 10.20 12.55
CA LEU D 14 21.18 10.60 11.77
C LEU D 14 22.25 9.52 11.80
N ASN D 15 22.42 8.84 12.94
CA ASN D 15 23.43 7.80 13.03
C ASN D 15 23.03 6.56 12.23
N LYS D 16 21.74 6.33 12.05
CA LYS D 16 21.26 5.22 11.23
C LYS D 16 21.23 5.56 9.75
N ILE D 17 21.51 6.80 9.37
CA ILE D 17 21.62 7.16 7.96
C ILE D 17 23.02 6.80 7.47
N GLU D 18 23.08 6.12 6.32
CA GLU D 18 24.36 5.75 5.75
C GLU D 18 25.16 7.00 5.39
N ASN D 19 26.49 6.88 5.48
CA ASN D 19 27.36 8.04 5.37
C ASN D 19 27.45 8.55 3.94
N LYS D 20 27.57 7.64 2.97
CA LYS D 20 27.81 8.01 1.58
C LYS D 20 26.52 8.27 0.80
N THR D 21 25.41 8.49 1.47
CA THR D 21 24.13 8.66 0.79
C THR D 21 23.93 10.12 0.39
N TYR D 22 23.26 10.31 -0.75
CA TYR D 22 23.10 11.62 -1.34
C TYR D 22 21.84 11.64 -2.20
N THR D 23 21.50 12.84 -2.68
CA THR D 23 20.43 13.01 -3.64
C THR D 23 20.66 14.32 -4.38
N LYS D 24 20.22 14.37 -5.63
CA LYS D 24 20.48 15.49 -6.52
C LYS D 24 19.29 16.43 -6.54
N LEU D 25 19.53 17.71 -6.29
CA LEU D 25 18.49 18.71 -6.36
C LEU D 25 18.18 19.05 -7.81
N LYS D 26 17.07 19.76 -8.02
CA LYS D 26 16.65 20.10 -9.37
C LYS D 26 17.71 20.93 -10.10
N ASN D 27 18.43 21.78 -9.37
CA ASN D 27 19.48 22.60 -9.97
C ASN D 27 20.77 21.83 -10.20
N GLY D 28 20.75 20.50 -10.11
CA GLY D 28 21.92 19.68 -10.33
C GLY D 28 22.84 19.56 -9.11
N HIS D 29 22.81 20.54 -8.22
CA HIS D 29 23.65 20.49 -7.03
C HIS D 29 23.26 19.33 -6.14
N VAL D 30 24.26 18.61 -5.65
CA VAL D 30 24.04 17.40 -4.87
C VAL D 30 23.91 17.76 -3.40
N PHE D 31 23.08 16.99 -2.69
CA PHE D 31 22.87 17.14 -1.27
C PHE D 31 23.26 15.83 -0.59
N ARG D 32 24.16 15.91 0.38
CA ARG D 32 24.73 14.74 1.03
C ARG D 32 24.40 14.75 2.52
N LYS D 33 24.63 13.60 3.16
CA LYS D 33 24.38 13.48 4.60
C LYS D 33 25.25 14.43 5.40
N GLN D 34 26.46 14.70 4.94
CA GLN D 34 27.36 15.57 5.69
C GLN D 34 26.74 16.93 5.96
N ALA D 35 25.90 17.42 5.05
CA ALA D 35 25.21 18.69 5.24
C ALA D 35 24.13 18.62 6.32
N LEU D 36 23.81 17.43 6.83
CA LEU D 36 22.84 17.27 7.90
C LEU D 36 23.45 17.34 9.28
N MET D 37 24.77 17.51 9.37
CA MET D 37 25.44 17.60 10.66
C MET D 37 25.69 19.05 11.04
N GLU D 40 22.69 21.69 14.27
CA GLU D 40 22.43 22.38 13.00
C GLU D 40 20.96 22.25 12.61
N ARG D 41 20.43 21.03 12.70
CA ARG D 41 19.03 20.76 12.36
C ARG D 41 18.22 20.54 13.63
N THR D 42 16.91 20.71 13.49
CA THR D 42 15.98 20.53 14.60
C THR D 42 14.78 19.74 14.09
N LEU D 43 14.58 18.54 14.61
CA LEU D 43 13.51 17.66 14.15
C LEU D 43 12.19 18.10 14.76
N LEU D 44 11.19 18.33 13.89
CA LEU D 44 9.85 18.72 14.31
C LEU D 44 8.91 17.52 14.44
N TYR D 45 8.87 16.67 13.42
CA TYR D 45 7.91 15.57 13.38
C TYR D 45 8.48 14.43 12.56
N ASP D 46 7.95 13.23 12.80
CA ASP D 46 8.38 12.04 12.08
C ASP D 46 7.22 11.08 11.99
N GLY D 47 7.10 10.40 10.85
CA GLY D 47 6.02 9.45 10.65
C GLY D 47 6.28 8.56 9.46
N LEU D 48 5.73 7.36 9.52
CA LEU D 48 5.83 6.40 8.42
C LEU D 48 4.66 6.61 7.47
N VAL D 49 4.97 6.90 6.21
CA VAL D 49 3.97 7.21 5.19
C VAL D 49 4.26 6.38 3.95
N TYR D 50 3.46 6.60 2.90
CA TYR D 50 3.63 5.93 1.63
C TYR D 50 3.73 6.96 0.52
N TRP D 51 4.73 6.81 -0.33
CA TRP D 51 4.97 7.69 -1.46
C TRP D 51 4.47 7.01 -2.72
N LYS D 52 3.51 7.64 -3.40
CA LYS D 52 2.91 7.07 -4.60
C LYS D 52 3.77 7.42 -5.80
N THR D 53 4.19 6.39 -6.55
CA THR D 53 5.01 6.60 -7.73
C THR D 53 4.15 6.98 -8.93
N ALA D 54 4.81 7.44 -9.98
CA ALA D 54 4.10 7.82 -11.21
C ALA D 54 3.36 6.63 -11.81
N THR D 55 3.84 5.42 -11.56
CA THR D 55 3.20 4.21 -12.07
C THR D 55 2.13 3.68 -11.12
N GLY D 56 1.79 4.42 -10.07
CA GLY D 56 0.76 3.99 -9.15
C GLY D 56 1.22 3.05 -8.06
N ARG D 57 2.52 2.86 -7.89
CA ARG D 57 3.05 2.04 -6.82
C ARG D 57 3.28 2.90 -5.57
N PHE D 58 3.37 2.23 -4.42
CA PHE D 58 3.57 2.88 -3.14
C PHE D 58 4.86 2.40 -2.51
N LYS D 59 5.74 3.34 -2.17
CA LYS D 59 7.04 3.05 -1.57
C LYS D 59 6.99 3.34 -0.08
N ASP D 60 7.64 2.49 0.70
CA ASP D 60 7.69 2.67 2.15
C ASP D 60 8.68 3.77 2.48
N ILE D 61 8.22 4.79 3.21
CA ILE D 61 9.01 5.99 3.46
C ILE D 61 8.88 6.39 4.93
N LEU D 62 10.00 6.83 5.51
CA LEU D 62 9.99 7.54 6.77
C LEU D 62 10.13 9.03 6.46
N ALA D 63 9.18 9.83 6.94
CA ALA D 63 9.12 11.25 6.62
C ALA D 63 9.52 12.05 7.85
N LEU D 64 10.58 12.84 7.72
CA LEU D 64 11.11 13.65 8.81
C LEU D 64 10.88 15.12 8.47
N LEU D 65 10.00 15.77 9.22
CA LEU D 65 9.78 17.21 9.08
C LEU D 65 10.77 17.94 9.96
N LEU D 66 11.70 18.66 9.32
CA LEU D 66 12.68 19.48 10.00
C LEU D 66 12.40 20.95 9.76
N THR D 67 13.11 21.78 10.51
CA THR D 67 13.51 23.10 10.03
C THR D 67 14.96 22.95 9.58
N ASP D 68 15.27 23.30 8.33
CA ASP D 68 14.46 24.10 7.42
C ASP D 68 13.97 23.33 6.19
N VAL D 69 13.98 22.00 6.24
CA VAL D 69 13.66 21.17 5.08
C VAL D 69 12.79 19.99 5.51
N LEU D 70 12.25 19.30 4.51
CA LEU D 70 11.53 18.04 4.68
C LEU D 70 12.36 16.93 4.05
N LEU D 71 12.41 15.79 4.72
CA LEU D 71 13.32 14.71 4.34
C LEU D 71 12.55 13.40 4.19
N PHE D 72 12.88 12.63 3.16
CA PHE D 72 12.28 11.34 2.88
C PHE D 72 13.36 10.26 2.93
N LEU D 73 13.07 9.18 3.63
CA LEU D 73 14.05 8.11 3.83
C LEU D 73 13.43 6.75 3.53
N GLN D 74 14.26 5.86 2.98
CA GLN D 74 13.91 4.47 2.78
C GLN D 74 14.74 3.59 3.70
N GLU D 75 14.35 2.33 3.81
CA GLU D 75 15.03 1.37 4.67
C GLU D 75 15.95 0.50 3.82
N LYS D 76 17.24 0.49 4.16
CA LYS D 76 18.22 -0.39 3.55
C LYS D 76 18.68 -1.41 4.59
N ASP D 77 17.80 -2.36 4.89
CA ASP D 77 18.01 -3.34 5.94
C ASP D 77 18.03 -2.66 7.31
N GLN D 78 19.20 -2.44 7.91
CA GLN D 78 19.30 -1.91 9.27
C GLN D 78 19.52 -0.42 9.32
N LYS D 79 19.82 0.24 8.21
CA LYS D 79 20.11 1.67 8.18
C LYS D 79 19.10 2.40 7.30
N TYR D 80 19.25 3.72 7.24
CA TYR D 80 18.40 4.59 6.45
C TYR D 80 19.17 5.17 5.26
N ILE D 81 18.44 5.47 4.19
CA ILE D 81 19.00 6.14 3.02
C ILE D 81 18.02 7.21 2.56
N PHE D 82 18.55 8.17 1.80
CA PHE D 82 17.70 9.12 1.10
C PHE D 82 16.86 8.40 0.04
N ALA D 83 15.66 8.90 -0.17
CA ALA D 83 14.69 8.21 -1.02
C ALA D 83 15.03 8.40 -2.50
N ALA D 84 15.17 7.29 -3.22
CA ALA D 84 15.42 7.29 -4.65
C ALA D 84 14.13 6.85 -5.35
N VAL D 85 13.21 7.80 -5.50
CA VAL D 85 11.87 7.53 -6.00
C VAL D 85 11.60 8.45 -7.19
N ASP D 86 11.37 7.86 -8.36
CA ASP D 86 11.03 8.61 -9.56
C ASP D 86 12.01 9.74 -9.83
N GLN D 87 13.25 9.58 -9.37
CA GLN D 87 14.32 10.52 -9.65
C GLN D 87 14.02 11.91 -9.13
N LYS D 88 13.09 12.04 -8.18
CA LYS D 88 12.82 13.33 -7.59
C LYS D 88 13.73 13.58 -6.39
N PRO D 89 14.06 14.84 -6.09
CA PRO D 89 14.85 15.11 -4.88
C PRO D 89 14.09 14.70 -3.63
N SER D 90 14.73 13.88 -2.80
CA SER D 90 14.12 13.37 -1.58
C SER D 90 14.27 14.31 -0.39
N VAL D 91 14.91 15.46 -0.57
CA VAL D 91 14.96 16.50 0.45
C VAL D 91 14.32 17.74 -0.14
N ILE D 92 13.30 18.26 0.55
CA ILE D 92 12.49 19.37 0.05
C ILE D 92 12.76 20.59 0.92
N SER D 93 13.10 21.70 0.27
CA SER D 93 13.24 22.96 0.99
C SER D 93 11.87 23.51 1.35
N LEU D 94 11.71 23.94 2.60
CA LEU D 94 10.45 24.48 3.06
C LEU D 94 10.19 25.91 2.57
N GLN D 95 11.16 26.53 1.89
CA GLN D 95 11.07 27.93 1.53
C GLN D 95 9.73 28.28 0.88
N LYS D 96 9.51 27.78 -0.34
CA LYS D 96 8.25 28.02 -1.03
C LYS D 96 7.47 26.71 -1.19
N LEU D 97 7.21 26.05 -0.08
CA LEU D 97 6.48 24.78 -0.06
C LEU D 97 5.03 25.02 0.35
N ILE D 98 4.12 24.38 -0.38
CA ILE D 98 2.70 24.44 -0.12
C ILE D 98 2.17 23.01 0.01
N ALA D 99 0.87 22.88 0.23
CA ALA D 99 0.28 21.57 0.41
C ALA D 99 -1.22 21.63 0.17
N ARG D 100 -1.76 20.59 -0.46
CA ARG D 100 -3.19 20.45 -0.68
C ARG D 100 -3.58 19.02 -0.34
N GLU D 101 -4.89 18.78 -0.29
CA GLU D 101 -5.41 17.43 -0.10
C GLU D 101 -5.56 16.73 -1.43
N VAL D 102 -5.61 15.40 -1.39
CA VAL D 102 -5.84 14.59 -2.57
C VAL D 102 -7.34 14.34 -2.69
N ALA D 103 -7.91 14.77 -3.81
CA ALA D 103 -9.35 14.59 -4.02
C ALA D 103 -9.72 13.11 -4.02
N ASN D 104 -8.91 12.28 -4.66
CA ASN D 104 -9.25 10.87 -4.81
C ASN D 104 -9.21 10.11 -3.48
N GLU D 105 -8.39 10.56 -2.55
CA GLU D 105 -8.18 9.86 -1.29
C GLU D 105 -8.03 10.86 -0.17
N GLU D 106 -8.79 10.66 0.91
CA GLU D 106 -8.71 11.53 2.08
C GLU D 106 -7.46 11.28 2.91
N ARG D 107 -6.83 10.11 2.77
CA ARG D 107 -5.56 9.81 3.41
C ARG D 107 -4.36 10.34 2.63
N GLY D 108 -4.59 11.18 1.62
CA GLY D 108 -3.53 11.62 0.73
C GLY D 108 -3.41 13.13 0.70
N MET D 109 -2.22 13.60 0.36
CA MET D 109 -1.93 15.02 0.25
C MET D 109 -0.93 15.25 -0.88
N PHE D 110 -0.97 16.44 -1.45
CA PHE D 110 -0.03 16.85 -2.48
C PHE D 110 0.98 17.83 -1.89
N LEU D 111 2.22 17.75 -2.38
CA LEU D 111 3.31 18.61 -1.91
C LEU D 111 4.05 19.16 -3.13
N ILE D 112 3.90 20.45 -3.40
CA ILE D 112 4.53 21.13 -4.52
C ILE D 112 5.64 22.01 -3.96
N SER D 113 6.88 21.75 -4.40
CA SER D 113 8.06 22.45 -3.89
C SER D 113 8.62 23.34 -4.99
N ALA D 114 8.22 24.61 -4.99
CA ALA D 114 8.87 25.59 -5.84
C ALA D 114 10.35 25.64 -5.51
N SER D 115 11.19 25.68 -6.54
CA SER D 115 12.62 25.54 -6.36
C SER D 115 13.37 26.43 -7.35
N SER D 116 14.69 26.42 -7.24
CA SER D 116 15.52 27.26 -8.11
C SER D 116 15.37 26.86 -9.57
N ALA D 117 15.46 25.57 -9.86
CA ALA D 117 15.37 25.06 -11.22
C ALA D 117 13.95 24.64 -11.60
N GLY D 118 12.94 25.23 -10.96
CA GLY D 118 11.57 24.88 -11.22
C GLY D 118 11.02 23.95 -10.15
N PRO D 119 9.70 23.93 -9.97
CA PRO D 119 9.14 23.13 -8.87
C PRO D 119 9.19 21.61 -9.10
N GLU D 120 8.42 20.90 -8.27
CA GLU D 120 8.37 19.45 -8.27
C GLU D 120 7.21 19.04 -7.36
N MET D 121 6.56 17.93 -7.71
CA MET D 121 5.37 17.49 -6.99
C MET D 121 5.62 16.13 -6.32
N TYR D 122 4.93 15.93 -5.20
CA TYR D 122 4.97 14.69 -4.44
C TYR D 122 3.58 14.37 -3.93
N GLU D 123 3.20 13.10 -3.98
CA GLU D 123 1.94 12.62 -3.42
C GLU D 123 2.25 11.63 -2.31
N ILE D 124 1.68 11.87 -1.13
CA ILE D 124 1.96 11.09 0.07
C ILE D 124 0.65 10.58 0.63
N HIS D 125 0.60 9.29 0.97
CA HIS D 125 -0.56 8.68 1.60
C HIS D 125 -0.18 8.25 3.01
N THR D 126 -1.03 8.60 3.97
CA THR D 126 -0.81 8.30 5.38
C THR D 126 -1.75 7.16 5.79
N ASN D 127 -1.83 6.92 7.10
CA ASN D 127 -2.63 5.81 7.60
C ASN D 127 -4.05 6.22 7.98
N SER D 128 -4.38 7.50 7.93
CA SER D 128 -5.73 7.96 8.24
C SER D 128 -5.86 9.41 7.80
N LYS D 129 -7.11 9.89 7.76
CA LYS D 129 -7.36 11.29 7.44
C LYS D 129 -6.81 12.19 8.53
N GLU D 130 -6.90 11.75 9.79
CA GLU D 130 -6.39 12.54 10.90
C GLU D 130 -4.90 12.82 10.73
N GLU D 131 -4.14 11.79 10.38
CA GLU D 131 -2.69 11.96 10.23
C GLU D 131 -2.37 12.88 9.05
N ARG D 132 -3.13 12.77 7.96
CA ARG D 132 -2.96 13.71 6.86
C ARG D 132 -3.21 15.13 7.33
N ASN D 133 -4.38 15.36 7.95
CA ASN D 133 -4.68 16.68 8.50
C ASN D 133 -3.56 17.15 9.42
N ASN D 134 -3.11 16.28 10.32
CA ASN D 134 -2.00 16.63 11.19
C ASN D 134 -0.76 16.99 10.40
N TRP D 135 -0.45 16.21 9.36
CA TRP D 135 0.76 16.47 8.58
C TRP D 135 0.70 17.82 7.86
N MET D 136 -0.50 18.27 7.50
CA MET D 136 -0.62 19.50 6.71
C MET D 136 -0.30 20.73 7.55
N ARG D 137 -1.06 20.95 8.63
CA ARG D 137 -0.83 22.13 9.44
C ARG D 137 0.55 22.10 10.09
N ARG D 138 1.14 20.92 10.29
CA ARG D 138 2.51 20.84 10.77
C ARG D 138 3.47 21.39 9.73
N ILE D 139 3.37 20.91 8.48
CA ILE D 139 4.21 21.44 7.41
C ILE D 139 3.83 22.89 7.11
N GLN D 140 2.55 23.22 7.24
CA GLN D 140 2.13 24.61 7.07
C GLN D 140 2.90 25.53 8.01
N GLN D 141 2.88 25.19 9.31
CA GLN D 141 3.47 26.07 10.32
C GLN D 141 5.00 26.10 10.20
N ALA D 142 5.62 24.97 9.88
CA ALA D 142 7.06 24.95 9.71
C ALA D 142 7.50 25.95 8.64
N VAL D 143 6.83 25.93 7.49
CA VAL D 143 7.11 26.91 6.44
C VAL D 143 6.92 28.32 6.97
N GLU D 144 5.86 28.54 7.76
CA GLU D 144 5.61 29.86 8.32
C GLU D 144 6.78 30.33 9.17
N SER D 145 7.35 29.45 9.98
CA SER D 145 8.48 29.80 10.84
C SER D 145 9.83 29.64 10.14
N CYS D 146 9.84 29.16 8.90
CA CYS D 146 11.11 28.97 8.22
C CYS D 146 11.58 30.31 7.63
N PRO D 147 12.84 30.70 7.85
CA PRO D 147 13.32 31.94 7.23
C PRO D 147 13.90 31.74 5.84
#